data_4DBC
#
_entry.id   4DBC
#
_cell.length_a   84.290
_cell.length_b   155.250
_cell.length_c   77.960
_cell.angle_alpha   90.00
_cell.angle_beta   90.00
_cell.angle_gamma   90.00
#
_symmetry.space_group_name_H-M   'C 2 2 21'
#
loop_
_entity.id
_entity.type
_entity.pdbx_description
1 polymer 'Aspartate aminotransferase'
2 non-polymer 'SULFATE ION'
3 non-polymer 1,2-ETHANEDIOL
4 non-polymer '(E)-N-{2-hydroxy-3-methyl-6-[(phosphonooxy)methyl]benzylidene}-L-aspartic acid'
5 water water
#
_entity_poly.entity_id   1
_entity_poly.type   'polypeptide(L)'
_entity_poly.pdbx_seq_one_letter_code
;MFENITAAPADPILGLADLFRADERPGKINLGIGVYKDETGKTPVLTSVKKAEQYLLENETTKNYLGIDGIPEFGRCTQE
LLFGKGSALINDKRARTAQTPGGTGALRVAADFLAKNTSVKRVWVSNPSWPNHKSVFNSAGLEVREYAYYDAENHTLDFD
ALINSLNEAQAGDVVLFHGCCHNPTGIDPTLEQWQTLAQLSVEKGWLPLFDFAYQGFARGLEEDAEGLRAFAAMHKELIV
ASSYSANFGLYNERVGACTLVAADSETVDRAFSQMKAAIRANYSNPPAHGASVVATILSNDALRAIWEQELTDMRQRIQR
MRQLFVNTLQEKGANRDFSFIIKQNGMFSFSGLTKEQVLRLREEFGVYAVASGRVNVAGMTPDNMAPLCEAIVAVL
;
_entity_poly.pdbx_strand_id   A
#
loop_
_chem_comp.id
_chem_comp.type
_chem_comp.name
_chem_comp.formula
3QP peptide-like '(E)-N-{2-hydroxy-3-methyl-6-[(phosphonooxy)methyl]benzylidene}-L-aspartic acid' 'C13 H16 N O9 P'
EDO non-polymer 1,2-ETHANEDIOL 'C2 H6 O2'
SO4 non-polymer 'SULFATE ION' 'O4 S -2'
#
# COMPACT_ATOMS: atom_id res chain seq x y z
N MET A 1 -13.36 8.31 -34.90
CA MET A 1 -13.73 7.89 -33.54
C MET A 1 -12.92 8.56 -32.48
N PHE A 2 -11.63 8.84 -32.76
CA PHE A 2 -10.73 9.31 -31.69
C PHE A 2 -10.36 10.79 -31.80
N GLU A 3 -10.90 11.43 -32.83
CA GLU A 3 -10.56 12.83 -33.23
C GLU A 3 -10.72 13.79 -32.05
N ASN A 4 -11.74 13.72 -31.18
CA ASN A 4 -12.12 14.57 -30.05
C ASN A 4 -11.77 14.12 -28.68
N ILE A 5 -11.01 13.08 -28.59
CA ILE A 5 -10.65 12.68 -27.28
C ILE A 5 -9.74 13.71 -26.63
N THR A 6 -10.13 14.18 -25.45
CA THR A 6 -9.28 15.09 -24.71
C THR A 6 -8.16 14.37 -23.98
N ALA A 7 -6.96 14.94 -23.99
CA ALA A 7 -5.85 14.33 -23.29
C ALA A 7 -6.13 14.13 -21.80
N ALA A 8 -5.67 13.02 -21.23
CA ALA A 8 -5.73 12.86 -19.79
C ALA A 8 -4.75 13.73 -19.01
N PRO A 9 -5.14 14.11 -17.79
CA PRO A 9 -4.30 14.85 -16.85
C PRO A 9 -3.12 13.96 -16.42
N ALA A 10 -2.04 14.63 -16.00
CA ALA A 10 -0.80 13.99 -15.55
C ALA A 10 -1.08 13.04 -14.41
N ASP A 11 -0.58 11.81 -14.43
CA ASP A 11 -0.67 11.02 -13.20
C ASP A 11 0.22 11.75 -12.21
N PRO A 12 -0.33 12.14 -11.05
CA PRO A 12 0.50 12.96 -10.16
C PRO A 12 1.67 12.20 -9.56
N ILE A 13 1.63 10.88 -9.61
CA ILE A 13 2.74 10.09 -9.13
C ILE A 13 3.58 9.52 -10.27
N LEU A 14 2.95 8.70 -11.11
CA LEU A 14 3.71 7.89 -12.09
C LEU A 14 4.29 8.77 -13.18
N GLY A 15 3.68 9.93 -13.36
CA GLY A 15 4.12 10.88 -14.36
C GLY A 15 5.48 11.45 -14.01
N LEU A 16 5.84 11.43 -12.72
CA LEU A 16 7.15 11.92 -12.29
C LEU A 16 8.30 11.20 -12.95
N ALA A 17 8.09 9.95 -13.35
CA ALA A 17 9.17 9.20 -13.95
C ALA A 17 9.52 9.78 -15.31
N ASP A 18 8.54 10.19 -16.09
CA ASP A 18 8.88 10.73 -17.39
C ASP A 18 9.68 12.02 -17.18
N LEU A 19 9.25 12.84 -16.21
CA LEU A 19 9.92 14.12 -15.98
C LEU A 19 11.33 13.90 -15.48
N PHE A 20 11.49 12.92 -14.60
CA PHE A 20 12.77 12.65 -13.95
C PHE A 20 13.75 12.10 -14.97
N ARG A 21 13.25 11.21 -15.83
CA ARG A 21 14.05 10.61 -16.89
C ARG A 21 14.50 11.67 -17.89
N ALA A 22 13.60 12.61 -18.21
CA ALA A 22 13.88 13.68 -19.16
C ALA A 22 14.83 14.76 -18.63
N ASP A 23 15.02 14.79 -17.32
CA ASP A 23 15.82 15.82 -16.68
C ASP A 23 17.28 15.42 -16.79
N GLU A 24 18.04 16.14 -17.61
CA GLU A 24 19.42 15.75 -17.89
C GLU A 24 20.43 16.35 -16.92
N ARG A 25 19.96 16.92 -15.82
CA ARG A 25 20.87 17.46 -14.81
C ARG A 25 21.42 16.39 -13.89
N PRO A 26 22.69 16.53 -13.49
CA PRO A 26 23.50 15.50 -12.84
C PRO A 26 23.09 15.15 -11.41
N GLY A 27 22.82 16.15 -10.60
CA GLY A 27 22.59 15.92 -9.19
C GLY A 27 21.12 15.78 -8.82
N LYS A 28 20.31 15.31 -9.76
CA LYS A 28 18.86 15.23 -9.51
C LYS A 28 18.59 14.20 -8.40
N ILE A 29 17.55 14.40 -7.59
CA ILE A 29 17.30 13.55 -6.45
C ILE A 29 15.81 13.14 -6.48
N ASN A 30 15.54 11.84 -6.47
CA ASN A 30 14.22 11.30 -6.66
C ASN A 30 13.54 10.91 -5.34
N LEU A 31 12.58 11.70 -4.89
CA LEU A 31 11.81 11.42 -3.67
C LEU A 31 10.34 11.25 -3.99
N GLY A 32 10.04 10.73 -5.20
CA GLY A 32 8.67 10.71 -5.71
C GLY A 32 7.96 9.39 -5.47
N ILE A 33 7.92 8.58 -6.51
CA ILE A 33 7.23 7.31 -6.39
C ILE A 33 7.72 6.43 -5.24
N GLY A 34 6.80 5.69 -4.62
CA GLY A 34 7.04 4.83 -3.45
C GLY A 34 7.74 3.50 -3.77
N VAL A 35 8.99 3.63 -4.17
CA VAL A 35 9.86 2.46 -4.33
C VAL A 35 11.02 2.60 -3.36
N TYR A 36 11.39 1.50 -2.69
CA TYR A 36 12.50 1.54 -1.73
C TYR A 36 13.83 1.69 -2.47
N LYS A 37 14.77 2.46 -1.94
CA LYS A 37 16.15 2.46 -2.43
C LYS A 37 17.05 2.10 -1.27
N ASP A 38 18.18 1.48 -1.60
CA ASP A 38 19.19 1.19 -0.61
C ASP A 38 20.13 2.36 -0.43
N GLU A 39 21.20 2.16 0.35
CA GLU A 39 22.10 3.26 0.64
C GLU A 39 22.83 3.80 -0.58
N THR A 40 22.83 3.06 -1.69
CA THR A 40 23.43 3.51 -2.95
C THR A 40 22.47 4.27 -3.88
N GLY A 41 21.21 4.39 -3.48
CA GLY A 41 20.23 5.08 -4.30
C GLY A 41 19.64 4.19 -5.38
N LYS A 42 19.79 2.88 -5.19
CA LYS A 42 19.26 1.90 -6.16
C LYS A 42 18.22 0.98 -5.55
N THR A 43 17.50 0.30 -6.43
CA THR A 43 16.43 -0.63 -6.00
C THR A 43 16.81 -2.03 -6.49
N PRO A 44 17.69 -2.76 -5.76
CA PRO A 44 18.11 -4.07 -6.25
C PRO A 44 17.02 -5.11 -6.06
N VAL A 45 17.21 -6.17 -6.81
CA VAL A 45 16.42 -7.37 -6.57
C VAL A 45 16.86 -7.93 -5.19
N LEU A 46 15.89 -8.32 -4.35
CA LEU A 46 16.25 -8.96 -3.07
C LEU A 46 16.98 -10.27 -3.33
N THR A 47 17.90 -10.57 -2.43
CA THR A 47 18.68 -11.80 -2.57
C THR A 47 17.76 -13.03 -2.44
N SER A 48 16.81 -13.00 -1.52
CA SER A 48 15.85 -14.10 -1.41
C SER A 48 15.11 -14.30 -2.73
N VAL A 49 14.72 -13.18 -3.38
CA VAL A 49 14.06 -13.25 -4.67
C VAL A 49 14.94 -13.86 -5.74
N LYS A 50 16.21 -13.43 -5.84
CA LYS A 50 17.10 -14.03 -6.84
C LYS A 50 17.25 -15.56 -6.61
N LYS A 51 17.36 -15.97 -5.35
CA LYS A 51 17.49 -17.40 -5.03
C LYS A 51 16.22 -18.14 -5.46
N ALA A 52 15.04 -17.60 -5.15
CA ALA A 52 13.82 -18.25 -5.57
C ALA A 52 13.70 -18.30 -7.11
N GLU A 53 14.09 -17.20 -7.79
CA GLU A 53 14.06 -17.22 -9.26
C GLU A 53 14.98 -18.25 -9.87
N GLN A 54 16.16 -18.44 -9.27
CA GLN A 54 17.04 -19.52 -9.70
C GLN A 54 16.37 -20.91 -9.51
N TYR A 55 15.72 -21.11 -8.37
CA TYR A 55 15.01 -22.37 -8.15
C TYR A 55 13.90 -22.56 -9.19
N LEU A 56 13.13 -21.51 -9.50
CA LEU A 56 12.09 -21.66 -10.50
C LEU A 56 12.66 -21.99 -11.89
N LEU A 57 13.78 -21.34 -12.25
CA LEU A 57 14.36 -21.57 -13.56
C LEU A 57 14.75 -23.05 -13.68
N GLU A 58 15.26 -23.59 -12.58
CA GLU A 58 15.70 -24.96 -12.56
C GLU A 58 14.59 -25.99 -12.54
N ASN A 59 13.45 -25.64 -11.95
CA ASN A 59 12.41 -26.60 -11.65
C ASN A 59 11.10 -26.46 -12.35
N GLU A 60 10.75 -25.25 -12.83
CA GLU A 60 9.51 -25.13 -13.61
C GLU A 60 9.55 -25.93 -14.89
N THR A 61 8.48 -26.71 -15.15
CA THR A 61 8.40 -27.48 -16.38
C THR A 61 7.21 -27.12 -17.27
N THR A 62 6.49 -26.05 -16.93
CA THR A 62 5.37 -25.59 -17.76
C THR A 62 5.06 -24.15 -17.43
N LYS A 63 4.48 -23.43 -18.39
CA LYS A 63 3.80 -22.17 -18.13
C LYS A 63 2.29 -22.26 -18.31
N ASN A 64 1.74 -23.47 -18.23
CA ASN A 64 0.29 -23.62 -18.32
C ASN A 64 -0.44 -22.68 -17.35
N TYR A 65 -1.62 -22.20 -17.80
CA TYR A 65 -2.41 -21.23 -17.02
C TYR A 65 -2.60 -21.65 -15.55
N LEU A 66 -2.45 -20.68 -14.65
CA LEU A 66 -3.00 -20.82 -13.29
C LEU A 66 -4.52 -20.81 -13.33
N GLY A 67 -5.11 -21.29 -12.22
CA GLY A 67 -6.51 -21.00 -12.01
C GLY A 67 -6.80 -19.52 -11.97
N ILE A 68 -8.07 -19.17 -12.10
CA ILE A 68 -8.46 -17.75 -12.11
C ILE A 68 -7.97 -17.08 -10.83
N ASP A 69 -7.98 -17.81 -9.72
CA ASP A 69 -7.57 -17.27 -8.44
C ASP A 69 -6.09 -17.48 -8.13
N GLY A 70 -5.34 -18.06 -9.07
CA GLY A 70 -3.88 -18.13 -8.92
C GLY A 70 -3.37 -19.34 -8.13
N ILE A 71 -2.15 -19.21 -7.61
CA ILE A 71 -1.46 -20.36 -6.99
C ILE A 71 -2.08 -20.63 -5.61
N PRO A 72 -2.56 -21.86 -5.34
CA PRO A 72 -3.18 -22.13 -4.04
C PRO A 72 -2.25 -21.88 -2.86
N GLU A 73 -0.99 -22.32 -2.93
CA GLU A 73 -0.06 -22.06 -1.83
C GLU A 73 0.12 -20.54 -1.56
N PHE A 74 0.17 -19.73 -2.62
CA PHE A 74 0.22 -18.29 -2.42
C PHE A 74 -0.97 -17.77 -1.61
N GLY A 75 -2.17 -18.25 -1.91
CA GLY A 75 -3.37 -17.85 -1.18
C GLY A 75 -3.26 -18.22 0.29
N ARG A 76 -2.81 -19.45 0.58
CA ARG A 76 -2.69 -19.88 1.98
C ARG A 76 -1.66 -19.05 2.71
N CYS A 77 -0.50 -18.81 2.08
CA CYS A 77 0.50 -17.98 2.73
C CYS A 77 0.03 -16.54 2.97
N THR A 78 -0.71 -15.96 2.04
CA THR A 78 -1.27 -14.61 2.21
C THR A 78 -2.24 -14.57 3.37
N GLN A 79 -3.14 -15.56 3.46
CA GLN A 79 -4.08 -15.56 4.58
C GLN A 79 -3.37 -15.68 5.93
N GLU A 80 -2.32 -16.49 5.99
CA GLU A 80 -1.60 -16.60 7.27
C GLU A 80 -0.89 -15.28 7.64
N LEU A 81 -0.28 -14.57 6.68
CA LEU A 81 0.26 -13.22 6.93
C LEU A 81 -0.77 -12.21 7.38
N LEU A 82 -1.97 -12.26 6.79
CA LEU A 82 -3.03 -11.29 7.13
C LEU A 82 -3.61 -11.57 8.50
N PHE A 83 -4.00 -12.83 8.73
CA PHE A 83 -4.84 -13.16 9.88
C PHE A 83 -4.17 -13.90 11.02
N GLY A 84 -2.97 -14.41 10.76
CA GLY A 84 -2.21 -15.15 11.77
C GLY A 84 -2.44 -16.64 11.71
N LYS A 85 -1.37 -17.39 11.95
CA LYS A 85 -1.48 -18.84 12.05
C LYS A 85 -2.46 -19.21 13.14
N GLY A 86 -3.41 -20.09 12.82
CA GLY A 86 -4.41 -20.52 13.79
C GLY A 86 -5.60 -19.59 13.91
N SER A 87 -5.67 -18.56 13.07
CA SER A 87 -6.85 -17.72 13.05
C SER A 87 -8.12 -18.55 12.83
N ALA A 88 -9.19 -18.14 13.49
CA ALA A 88 -10.51 -18.73 13.28
C ALA A 88 -11.04 -18.54 11.86
N LEU A 89 -10.66 -17.45 11.20
CA LEU A 89 -11.10 -17.22 9.84
C LEU A 89 -10.58 -18.32 8.96
N ILE A 90 -9.37 -18.80 9.25
CA ILE A 90 -8.76 -19.79 8.38
C ILE A 90 -9.30 -21.16 8.78
N ASN A 91 -9.35 -21.41 10.08
CA ASN A 91 -9.89 -22.71 10.54
C ASN A 91 -11.31 -22.97 10.08
N ASP A 92 -12.14 -21.93 10.09
CA ASP A 92 -13.53 -22.01 9.69
C ASP A 92 -13.73 -21.86 8.18
N LYS A 93 -12.64 -21.77 7.41
CA LYS A 93 -12.74 -21.68 5.96
C LYS A 93 -13.63 -20.49 5.51
N ARG A 94 -13.42 -19.34 6.16
CA ARG A 94 -14.28 -18.17 5.93
C ARG A 94 -13.67 -17.21 4.90
N ALA A 95 -12.45 -17.50 4.49
CA ALA A 95 -11.72 -16.57 3.58
C ALA A 95 -11.29 -17.24 2.26
N ARG A 96 -11.52 -16.54 1.15
CA ARG A 96 -11.00 -16.97 -0.14
C ARG A 96 -10.12 -15.88 -0.73
N THR A 97 -8.96 -16.30 -1.23
CA THR A 97 -8.00 -15.31 -1.80
C THR A 97 -7.83 -15.54 -3.30
N ALA A 98 -7.89 -14.43 -4.04
CA ALA A 98 -7.45 -14.43 -5.45
C ALA A 98 -6.11 -13.71 -5.55
N GLN A 99 -5.11 -14.39 -6.11
CA GLN A 99 -3.86 -13.72 -6.50
C GLN A 99 -4.23 -12.73 -7.61
N THR A 100 -3.71 -11.49 -7.54
CA THR A 100 -4.06 -10.44 -8.49
C THR A 100 -2.82 -9.75 -9.00
N PRO A 101 -2.94 -8.99 -10.11
CA PRO A 101 -1.79 -8.19 -10.61
C PRO A 101 -1.60 -6.93 -9.77
N GLY A 102 -0.86 -7.11 -8.67
CA GLY A 102 -0.60 -6.02 -7.74
C GLY A 102 -1.71 -5.75 -6.75
N GLY A 103 -1.39 -4.88 -5.79
CA GLY A 103 -2.43 -4.35 -4.93
C GLY A 103 -3.43 -3.54 -5.74
N THR A 104 -2.98 -2.81 -6.77
CA THR A 104 -3.96 -2.05 -7.56
C THR A 104 -4.98 -2.99 -8.19
N GLY A 105 -4.48 -4.10 -8.77
CA GLY A 105 -5.43 -5.07 -9.32
C GLY A 105 -6.40 -5.65 -8.30
N ALA A 106 -5.91 -5.86 -7.07
CA ALA A 106 -6.78 -6.37 -6.01
C ALA A 106 -7.85 -5.32 -5.68
N LEU A 107 -7.51 -4.03 -5.66
CA LEU A 107 -8.53 -2.99 -5.41
C LEU A 107 -9.57 -2.96 -6.53
N ARG A 108 -9.12 -3.12 -7.79
CA ARG A 108 -10.06 -3.09 -8.94
C ARG A 108 -10.97 -4.31 -8.96
N VAL A 109 -10.42 -5.49 -8.65
CA VAL A 109 -11.24 -6.68 -8.55
C VAL A 109 -12.27 -6.54 -7.42
N ALA A 110 -11.85 -6.00 -6.29
CA ALA A 110 -12.80 -5.79 -5.22
C ALA A 110 -13.91 -4.87 -5.71
N ALA A 111 -13.54 -3.75 -6.33
CA ALA A 111 -14.55 -2.77 -6.74
C ALA A 111 -15.52 -3.31 -7.78
N ASP A 112 -15.01 -4.03 -8.79
CA ASP A 112 -15.89 -4.63 -9.80
C ASP A 112 -16.80 -5.69 -9.17
N PHE A 113 -16.24 -6.49 -8.25
CA PHE A 113 -17.06 -7.49 -7.54
C PHE A 113 -18.17 -6.80 -6.75
N LEU A 114 -17.85 -5.74 -5.98
CA LEU A 114 -18.89 -5.07 -5.22
C LEU A 114 -19.89 -4.37 -6.10
N ALA A 115 -19.45 -3.71 -7.14
CA ALA A 115 -20.41 -2.99 -8.01
C ALA A 115 -21.43 -3.92 -8.66
N LYS A 116 -20.97 -5.10 -9.09
CA LYS A 116 -21.81 -5.98 -9.89
C LYS A 116 -22.64 -6.89 -9.02
N ASN A 117 -22.24 -7.14 -7.77
CA ASN A 117 -22.87 -8.23 -7.00
C ASN A 117 -23.49 -7.81 -5.68
N THR A 118 -23.33 -6.54 -5.29
CA THR A 118 -23.89 -6.03 -4.04
C THR A 118 -24.61 -4.70 -4.23
N SER A 119 -25.23 -4.21 -3.15
CA SER A 119 -25.86 -2.91 -3.16
C SER A 119 -24.92 -1.71 -3.01
N VAL A 120 -23.61 -2.00 -2.97
CA VAL A 120 -22.67 -0.90 -2.71
C VAL A 120 -22.69 0.18 -3.79
N LYS A 121 -22.78 1.46 -3.38
CA LYS A 121 -22.69 2.58 -4.32
C LYS A 121 -21.55 3.53 -4.01
N ARG A 122 -21.07 3.51 -2.76
CA ARG A 122 -20.13 4.55 -2.26
C ARG A 122 -19.02 3.91 -1.47
N VAL A 123 -17.81 4.39 -1.65
CA VAL A 123 -16.67 4.00 -0.82
C VAL A 123 -16.13 5.24 -0.17
N TRP A 124 -15.88 5.13 1.14
CA TRP A 124 -15.30 6.24 1.93
C TRP A 124 -13.78 6.04 2.02
N VAL A 125 -13.09 7.10 1.59
CA VAL A 125 -11.59 7.13 1.57
C VAL A 125 -11.08 8.30 2.45
N SER A 126 -9.95 8.12 3.13
CA SER A 126 -9.40 9.20 3.98
C SER A 126 -8.96 10.37 3.11
N ASN A 127 -9.15 11.57 3.64
CA ASN A 127 -8.54 12.77 3.07
C ASN A 127 -7.40 13.10 4.04
N PRO A 128 -6.17 12.96 3.58
CA PRO A 128 -5.70 12.55 2.26
C PRO A 128 -5.50 11.05 2.13
N SER A 129 -5.39 10.59 0.87
CA SER A 129 -5.06 9.20 0.58
C SER A 129 -4.19 9.12 -0.66
N TRP A 130 -3.95 7.91 -1.11
CA TRP A 130 -3.34 7.69 -2.42
C TRP A 130 -4.27 8.17 -3.52
N PRO A 131 -3.80 9.04 -4.43
CA PRO A 131 -4.77 9.60 -5.39
C PRO A 131 -5.40 8.61 -6.35
N ASN A 132 -4.81 7.41 -6.49
CA ASN A 132 -5.38 6.46 -7.44
C ASN A 132 -6.56 5.72 -6.83
N HIS A 133 -6.79 5.84 -5.50
CA HIS A 133 -7.97 5.13 -4.95
C HIS A 133 -9.23 5.64 -5.63
N LYS A 134 -9.38 6.96 -5.78
CA LYS A 134 -10.60 7.47 -6.37
C LYS A 134 -10.79 6.96 -7.80
N SER A 135 -9.69 6.88 -8.55
CA SER A 135 -9.79 6.48 -9.96
C SER A 135 -10.22 5.03 -10.06
N VAL A 136 -9.65 4.19 -9.21
CA VAL A 136 -10.00 2.78 -9.26
C VAL A 136 -11.48 2.59 -8.94
N PHE A 137 -11.95 3.19 -7.86
CA PHE A 137 -13.35 2.98 -7.49
C PHE A 137 -14.29 3.60 -8.52
N ASN A 138 -13.97 4.82 -8.98
CA ASN A 138 -14.86 5.44 -9.98
C ASN A 138 -14.89 4.61 -11.26
N SER A 139 -13.78 3.94 -11.62
CA SER A 139 -13.75 3.19 -12.90
C SER A 139 -14.75 2.03 -12.86
N ALA A 140 -15.00 1.52 -11.66
CA ALA A 140 -16.03 0.50 -11.45
C ALA A 140 -17.43 1.03 -11.24
N GLY A 141 -17.60 2.35 -11.31
CA GLY A 141 -18.91 2.95 -11.16
C GLY A 141 -19.29 3.30 -9.75
N LEU A 142 -18.33 3.27 -8.82
CA LEU A 142 -18.62 3.58 -7.42
C LEU A 142 -18.24 5.02 -7.14
N GLU A 143 -19.09 5.71 -6.38
CA GLU A 143 -18.80 7.07 -5.91
C GLU A 143 -17.81 6.99 -4.75
N VAL A 144 -16.96 8.02 -4.65
CA VAL A 144 -15.99 8.10 -3.57
C VAL A 144 -16.30 9.31 -2.73
N ARG A 145 -16.37 9.12 -1.42
CA ARG A 145 -16.59 10.24 -0.50
C ARG A 145 -15.41 10.26 0.47
N GLU A 146 -15.04 11.43 0.98
CA GLU A 146 -13.87 11.53 1.87
C GLU A 146 -14.22 11.68 3.34
N TYR A 147 -13.39 11.03 4.16
CA TYR A 147 -13.45 11.26 5.59
C TYR A 147 -12.23 11.95 6.11
N ALA A 148 -12.44 12.83 7.10
CA ALA A 148 -11.31 13.55 7.68
C ALA A 148 -10.39 12.57 8.43
N TYR A 149 -9.13 12.93 8.50
CA TYR A 149 -8.14 11.97 9.01
C TYR A 149 -7.00 12.65 9.72
N TYR A 150 -6.54 13.78 9.19
CA TYR A 150 -5.23 14.32 9.57
C TYR A 150 -5.37 15.71 10.17
N ASP A 151 -4.80 15.91 11.36
CA ASP A 151 -4.66 17.25 11.94
C ASP A 151 -3.27 17.78 11.57
N ALA A 152 -3.21 18.72 10.64
CA ALA A 152 -1.94 19.17 10.14
C ALA A 152 -1.22 20.15 11.09
N GLU A 153 -1.93 20.74 12.04
CA GLU A 153 -1.31 21.66 13.00
C GLU A 153 -0.49 20.86 14.00
N ASN A 154 -1.05 19.75 14.49
CA ASN A 154 -0.31 18.97 15.49
C ASN A 154 0.29 17.66 14.99
N HIS A 155 0.11 17.40 13.69
CA HIS A 155 0.65 16.23 13.03
C HIS A 155 0.19 14.95 13.69
N THR A 156 -1.12 14.81 13.82
CA THR A 156 -1.69 13.65 14.50
C THR A 156 -2.88 13.17 13.69
N LEU A 157 -3.35 11.96 13.99
CA LEU A 157 -4.62 11.47 13.51
C LEU A 157 -5.74 12.22 14.24
N ASP A 158 -6.59 12.91 13.47
CA ASP A 158 -7.70 13.63 14.04
C ASP A 158 -8.91 12.70 14.22
N PHE A 159 -8.86 11.91 15.28
CA PHE A 159 -9.80 10.85 15.44
C PHE A 159 -11.23 11.36 15.59
N ASP A 160 -11.38 12.48 16.28
CA ASP A 160 -12.74 12.99 16.44
C ASP A 160 -13.33 13.46 15.11
N ALA A 161 -12.54 14.14 14.27
CA ALA A 161 -13.00 14.56 12.94
C ALA A 161 -13.32 13.33 12.08
N LEU A 162 -12.50 12.27 12.20
CA LEU A 162 -12.69 11.05 11.39
C LEU A 162 -14.06 10.44 11.72
N ILE A 163 -14.30 10.25 13.02
CA ILE A 163 -15.58 9.74 13.52
C ILE A 163 -16.76 10.57 13.04
N ASN A 164 -16.60 11.88 13.12
CA ASN A 164 -17.67 12.80 12.74
C ASN A 164 -17.98 12.71 11.26
N SER A 165 -16.95 12.63 10.42
CA SER A 165 -17.11 12.52 8.99
C SER A 165 -17.89 11.26 8.66
N LEU A 166 -17.51 10.18 9.33
CA LEU A 166 -18.06 8.89 8.99
C LEU A 166 -19.48 8.71 9.45
N ASN A 167 -19.95 9.60 10.33
CA ASN A 167 -21.35 9.51 10.73
C ASN A 167 -22.28 9.68 9.54
N GLU A 168 -21.76 10.24 8.45
CA GLU A 168 -22.55 10.47 7.25
C GLU A 168 -22.61 9.23 6.35
N ALA A 169 -21.77 8.23 6.63
CA ALA A 169 -21.77 7.00 5.86
C ALA A 169 -23.03 6.21 6.25
N GLN A 170 -23.69 5.63 5.29
CA GLN A 170 -24.87 4.80 5.57
C GLN A 170 -24.45 3.36 5.79
N ALA A 171 -25.33 2.59 6.43
CA ALA A 171 -25.11 1.17 6.50
C ALA A 171 -25.06 0.60 5.07
N GLY A 172 -24.05 -0.22 4.80
CA GLY A 172 -23.84 -0.82 3.49
C GLY A 172 -22.87 -0.04 2.61
N ASP A 173 -22.44 1.12 3.10
CA ASP A 173 -21.30 1.78 2.43
C ASP A 173 -20.02 1.03 2.78
N VAL A 174 -19.02 1.18 1.91
CA VAL A 174 -17.68 0.63 2.18
C VAL A 174 -16.81 1.73 2.77
N VAL A 175 -16.02 1.37 3.79
CA VAL A 175 -15.00 2.30 4.29
C VAL A 175 -13.65 1.67 4.06
N LEU A 176 -12.78 2.44 3.39
CA LEU A 176 -11.42 1.96 3.12
C LEU A 176 -10.48 2.38 4.24
N PHE A 177 -9.73 1.41 4.75
CA PHE A 177 -8.73 1.62 5.79
C PHE A 177 -7.36 1.21 5.27
N HIS A 178 -6.35 2.08 5.42
CA HIS A 178 -4.97 1.60 5.18
C HIS A 178 -4.48 0.79 6.34
N GLY A 179 -4.00 -0.44 6.11
CA GLY A 179 -3.71 -1.36 7.22
C GLY A 179 -2.59 -0.90 8.13
N CYS A 180 -1.57 -0.28 7.52
CA CYS A 180 -0.46 0.33 8.27
C CYS A 180 0.22 1.23 7.27
N CYS A 181 1.12 2.08 7.75
CA CYS A 181 1.90 3.01 6.89
C CYS A 181 0.98 3.81 5.97
N HIS A 182 0.05 4.53 6.59
CA HIS A 182 -0.88 5.37 5.82
C HIS A 182 -0.19 6.20 4.81
N ASN A 183 -0.72 6.19 3.56
CA ASN A 183 -0.13 6.94 2.47
C ASN A 183 -1.09 8.10 2.19
N PRO A 184 -0.70 9.39 2.43
CA PRO A 184 0.70 9.83 2.52
C PRO A 184 1.20 10.22 3.89
N THR A 185 0.37 10.13 4.91
CA THR A 185 0.72 10.80 6.18
C THR A 185 1.69 10.06 7.04
N GLY A 186 1.75 8.72 6.92
CA GLY A 186 2.57 7.92 7.83
C GLY A 186 1.97 7.76 9.22
N ILE A 187 0.72 8.18 9.38
CA ILE A 187 0.09 8.25 10.70
C ILE A 187 -0.98 7.17 10.72
N ASP A 188 -0.78 6.20 11.62
CA ASP A 188 -1.70 5.08 11.74
C ASP A 188 -2.48 5.13 13.04
N PRO A 189 -3.70 4.55 13.06
CA PRO A 189 -4.39 4.40 14.35
C PRO A 189 -3.56 3.57 15.33
N THR A 190 -3.66 3.92 16.61
CA THR A 190 -3.12 3.03 17.63
C THR A 190 -4.01 1.78 17.71
N LEU A 191 -3.52 0.78 18.40
CA LEU A 191 -4.38 -0.38 18.56
C LEU A 191 -5.73 -0.04 19.20
N GLU A 192 -5.74 0.80 20.23
CA GLU A 192 -7.02 1.14 20.79
C GLU A 192 -7.92 1.82 19.82
N GLN A 193 -7.35 2.70 19.01
CA GLN A 193 -8.14 3.33 17.95
C GLN A 193 -8.69 2.35 16.94
N TRP A 194 -7.86 1.40 16.53
CA TRP A 194 -8.35 0.34 15.61
C TRP A 194 -9.53 -0.43 16.24
N GLN A 195 -9.44 -0.69 17.54
CA GLN A 195 -10.49 -1.44 18.22
C GLN A 195 -11.76 -0.63 18.30
N THR A 196 -11.62 0.65 18.57
CA THR A 196 -12.78 1.53 18.59
C THR A 196 -13.42 1.58 17.20
N LEU A 197 -12.62 1.70 16.15
CA LEU A 197 -13.17 1.72 14.78
C LEU A 197 -13.83 0.40 14.41
N ALA A 198 -13.27 -0.72 14.87
CA ALA A 198 -13.87 -2.03 14.57
C ALA A 198 -15.26 -2.11 15.16
N GLN A 199 -15.39 -1.70 16.42
CA GLN A 199 -16.72 -1.78 17.07
C GLN A 199 -17.71 -0.80 16.41
N LEU A 200 -17.23 0.39 16.06
CA LEU A 200 -18.07 1.38 15.41
C LEU A 200 -18.56 0.86 14.04
N SER A 201 -17.65 0.26 13.28
CA SER A 201 -17.99 -0.24 11.96
C SER A 201 -19.06 -1.32 12.06
N VAL A 202 -18.95 -2.20 13.06
CA VAL A 202 -19.99 -3.23 13.22
C VAL A 202 -21.32 -2.54 13.53
N GLU A 203 -21.30 -1.59 14.47
CA GLU A 203 -22.53 -0.89 14.88
C GLU A 203 -23.20 -0.15 13.73
N LYS A 204 -22.39 0.46 12.85
CA LYS A 204 -22.95 1.30 11.80
C LYS A 204 -23.16 0.55 10.48
N GLY A 205 -22.77 -0.73 10.40
CA GLY A 205 -23.03 -1.48 9.18
C GLY A 205 -22.10 -1.14 8.02
N TRP A 206 -20.86 -0.74 8.29
CA TRP A 206 -19.95 -0.43 7.19
C TRP A 206 -19.28 -1.73 6.73
N LEU A 207 -18.97 -1.84 5.47
CA LEU A 207 -18.18 -2.99 5.00
C LEU A 207 -16.72 -2.54 4.95
N PRO A 208 -15.85 -3.14 5.78
CA PRO A 208 -14.44 -2.69 5.74
C PRO A 208 -13.72 -3.23 4.54
N LEU A 209 -12.96 -2.34 3.90
CA LEU A 209 -12.02 -2.74 2.84
C LEU A 209 -10.69 -2.27 3.34
N PHE A 210 -9.79 -3.20 3.64
CA PHE A 210 -8.42 -2.87 4.03
C PHE A 210 -7.52 -2.88 2.85
N ASP A 211 -6.69 -1.84 2.71
CA ASP A 211 -5.64 -1.81 1.71
C ASP A 211 -4.34 -1.99 2.47
N PHE A 212 -3.57 -3.01 2.12
N PHE A 212 -3.64 -3.08 2.17
CA PHE A 212 -2.42 -3.39 2.92
CA PHE A 212 -2.39 -3.41 2.81
C PHE A 212 -1.20 -3.48 2.00
C PHE A 212 -1.30 -3.46 1.78
N ALA A 213 -0.66 -2.33 1.60
CA ALA A 213 0.43 -2.25 0.65
C ALA A 213 1.81 -2.35 1.29
N TYR A 214 1.91 -2.16 2.60
CA TYR A 214 3.24 -2.03 3.25
C TYR A 214 3.40 -2.87 4.48
N GLN A 215 2.77 -4.04 4.53
CA GLN A 215 2.91 -4.89 5.71
C GLN A 215 4.39 -5.21 6.01
N GLY A 216 4.82 -4.85 7.21
CA GLY A 216 6.22 -5.04 7.60
C GLY A 216 7.03 -3.74 7.65
N PHE A 217 6.53 -2.65 7.08
CA PHE A 217 7.29 -1.39 7.05
C PHE A 217 7.02 -0.48 8.24
N ALA A 218 5.98 -0.74 9.04
CA ALA A 218 5.79 0.13 10.22
C ALA A 218 6.58 -0.38 11.43
N ARG A 219 6.21 -1.54 11.95
CA ARG A 219 6.93 -2.16 13.07
C ARG A 219 7.36 -3.59 12.79
N GLY A 220 6.55 -4.35 12.07
CA GLY A 220 6.90 -5.74 11.81
C GLY A 220 5.70 -6.43 11.15
N LEU A 221 5.89 -7.63 10.66
CA LEU A 221 4.81 -8.31 9.93
C LEU A 221 3.56 -8.54 10.79
N GLU A 222 3.73 -9.12 11.98
CA GLU A 222 2.58 -9.39 12.82
C GLU A 222 2.01 -8.12 13.44
N GLU A 223 2.90 -7.24 13.91
CA GLU A 223 2.41 -6.01 14.54
C GLU A 223 1.60 -5.17 13.57
N ASP A 224 2.03 -5.15 12.31
CA ASP A 224 1.39 -4.31 11.29
C ASP A 224 -0.02 -4.81 10.94
N ALA A 225 -0.29 -6.08 11.25
CA ALA A 225 -1.61 -6.65 10.97
C ALA A 225 -2.55 -6.58 12.14
N GLU A 226 -2.11 -6.01 13.26
CA GLU A 226 -3.00 -5.97 14.43
C GLU A 226 -4.32 -5.24 14.19
N GLY A 227 -4.29 -4.12 13.48
CA GLY A 227 -5.55 -3.42 13.24
C GLY A 227 -6.52 -4.24 12.39
N LEU A 228 -6.02 -4.80 11.28
CA LEU A 228 -6.84 -5.72 10.48
C LEU A 228 -7.39 -6.89 11.33
N ARG A 229 -6.56 -7.44 12.20
CA ARG A 229 -7.01 -8.60 13.01
C ARG A 229 -8.06 -8.18 14.02
N ALA A 230 -7.97 -6.97 14.52
CA ALA A 230 -9.02 -6.45 15.42
C ALA A 230 -10.36 -6.34 14.69
N PHE A 231 -10.32 -5.87 13.44
CA PHE A 231 -11.50 -5.86 12.60
C PHE A 231 -11.99 -7.29 12.31
N ALA A 232 -11.07 -8.21 12.00
CA ALA A 232 -11.50 -9.59 11.67
C ALA A 232 -12.19 -10.29 12.83
N ALA A 233 -11.83 -9.94 14.06
CA ALA A 233 -12.40 -10.58 15.22
C ALA A 233 -13.85 -10.14 15.41
N MET A 234 -14.19 -8.97 14.89
CA MET A 234 -15.49 -8.35 15.10
C MET A 234 -16.50 -8.46 13.94
N HIS A 235 -16.02 -8.67 12.70
CA HIS A 235 -16.84 -8.61 11.52
C HIS A 235 -17.09 -9.98 10.92
N LYS A 236 -18.31 -10.19 10.40
CA LYS A 236 -18.58 -11.36 9.57
C LYS A 236 -17.96 -11.26 8.18
N GLU A 237 -17.92 -10.03 7.64
CA GLU A 237 -17.52 -9.81 6.25
C GLU A 237 -16.54 -8.67 6.17
N LEU A 238 -15.55 -8.85 5.30
CA LEU A 238 -14.63 -7.75 4.97
C LEU A 238 -13.88 -8.17 3.72
N ILE A 239 -13.13 -7.22 3.14
CA ILE A 239 -12.30 -7.51 1.96
C ILE A 239 -10.92 -6.90 2.26
N VAL A 240 -9.86 -7.64 1.90
CA VAL A 240 -8.49 -7.12 2.03
C VAL A 240 -7.84 -7.12 0.67
N ALA A 241 -7.33 -5.94 0.27
CA ALA A 241 -6.49 -5.85 -0.95
C ALA A 241 -5.06 -5.67 -0.52
N SER A 242 -4.21 -6.63 -0.78
CA SER A 242 -2.84 -6.54 -0.25
C SER A 242 -1.86 -6.62 -1.39
N SER A 243 -0.66 -6.13 -1.14
CA SER A 243 0.39 -6.10 -2.14
C SER A 243 1.72 -6.57 -1.61
N TYR A 244 2.42 -7.30 -2.44
CA TYR A 244 3.80 -7.72 -2.15
C TYR A 244 4.84 -6.90 -2.91
N SER A 245 4.45 -5.81 -3.54
CA SER A 245 5.40 -5.00 -4.31
C SER A 245 6.53 -4.46 -3.43
N ALA A 246 6.16 -3.78 -2.34
CA ALA A 246 7.21 -3.15 -1.51
C ALA A 246 7.94 -4.18 -0.62
N ASN A 247 7.18 -5.04 0.03
CA ASN A 247 7.84 -5.91 1.01
C ASN A 247 8.64 -7.04 0.41
N PHE A 248 8.47 -7.34 -0.88
CA PHE A 248 9.38 -8.24 -1.58
C PHE A 248 10.24 -7.56 -2.65
N GLY A 249 10.09 -6.25 -2.80
CA GLY A 249 10.81 -5.54 -3.86
C GLY A 249 10.45 -6.10 -5.25
N LEU A 250 9.17 -6.42 -5.43
CA LEU A 250 8.68 -7.11 -6.64
C LEU A 250 7.73 -6.24 -7.46
N TYR A 251 7.85 -4.93 -7.32
CA TYR A 251 6.97 -3.93 -7.98
C TYR A 251 6.53 -4.36 -9.40
N ASN A 252 7.47 -4.58 -10.31
CA ASN A 252 7.10 -4.76 -11.70
C ASN A 252 6.57 -6.14 -12.04
N GLU A 253 6.55 -7.06 -11.08
CA GLU A 253 6.03 -8.41 -11.33
C GLU A 253 4.54 -8.54 -10.99
N ARG A 254 3.95 -7.51 -10.37
CA ARG A 254 2.51 -7.36 -10.13
C ARG A 254 1.98 -8.50 -9.27
N VAL A 255 2.33 -8.42 -7.97
CA VAL A 255 2.01 -9.51 -7.06
C VAL A 255 1.16 -8.93 -5.94
N GLY A 256 -0.11 -9.29 -5.93
CA GLY A 256 -1.02 -8.81 -4.88
C GLY A 256 -2.10 -9.83 -4.64
N ALA A 257 -3.00 -9.48 -3.75
CA ALA A 257 -4.10 -10.43 -3.46
C ALA A 257 -5.34 -9.73 -3.06
N CYS A 258 -6.50 -10.29 -3.45
CA CYS A 258 -7.82 -9.84 -3.00
C CYS A 258 -8.41 -10.95 -2.15
N THR A 259 -8.61 -10.67 -0.84
CA THR A 259 -9.12 -11.71 0.03
C THR A 259 -10.52 -11.30 0.50
N LEU A 260 -11.46 -12.22 0.26
CA LEU A 260 -12.87 -12.02 0.61
C LEU A 260 -13.14 -12.80 1.87
N VAL A 261 -13.77 -12.17 2.86
CA VAL A 261 -14.17 -12.93 4.09
C VAL A 261 -15.68 -12.84 4.24
N ALA A 262 -16.32 -13.98 4.53
CA ALA A 262 -17.76 -13.96 4.82
C ALA A 262 -18.06 -14.75 6.07
N ALA A 263 -19.35 -14.85 6.42
CA ALA A 263 -19.73 -15.38 7.72
C ALA A 263 -19.39 -16.88 7.86
N ASP A 264 -19.48 -17.59 6.74
CA ASP A 264 -19.22 -19.02 6.71
C ASP A 264 -18.69 -19.45 5.38
N SER A 265 -18.28 -20.70 5.31
CA SER A 265 -17.64 -21.21 4.11
C SER A 265 -18.63 -21.27 2.94
N GLU A 266 -19.88 -21.67 3.18
CA GLU A 266 -20.84 -21.69 2.08
C GLU A 266 -20.98 -20.30 1.45
N THR A 267 -21.10 -19.28 2.27
CA THR A 267 -21.31 -17.92 1.74
C THR A 267 -20.04 -17.41 1.02
N VAL A 268 -18.88 -17.65 1.62
CA VAL A 268 -17.68 -17.11 0.97
C VAL A 268 -17.47 -17.80 -0.36
N ASP A 269 -17.75 -19.09 -0.44
CA ASP A 269 -17.51 -19.80 -1.69
C ASP A 269 -18.47 -19.31 -2.78
N ARG A 270 -19.73 -19.07 -2.44
CA ARG A 270 -20.71 -18.55 -3.40
C ARG A 270 -20.30 -17.16 -3.85
N ALA A 271 -19.94 -16.30 -2.91
CA ALA A 271 -19.59 -14.93 -3.24
C ALA A 271 -18.29 -14.97 -4.09
N PHE A 272 -17.34 -15.82 -3.71
CA PHE A 272 -16.08 -15.88 -4.43
C PHE A 272 -16.23 -16.33 -5.89
N SER A 273 -17.22 -17.15 -6.18
CA SER A 273 -17.49 -17.58 -7.57
C SER A 273 -17.72 -16.32 -8.43
N GLN A 274 -18.38 -15.30 -7.88
CA GLN A 274 -18.63 -14.06 -8.63
C GLN A 274 -17.37 -13.22 -8.73
N MET A 275 -16.53 -13.27 -7.71
CA MET A 275 -15.23 -12.57 -7.81
C MET A 275 -14.41 -13.22 -8.93
N LYS A 276 -14.37 -14.54 -8.99
CA LYS A 276 -13.69 -15.22 -10.12
C LYS A 276 -14.29 -14.81 -11.44
N ALA A 277 -15.62 -14.68 -11.55
CA ALA A 277 -16.20 -14.27 -12.84
C ALA A 277 -15.74 -12.84 -13.20
N ALA A 278 -15.63 -11.97 -12.19
CA ALA A 278 -15.15 -10.56 -12.45
C ALA A 278 -13.71 -10.60 -12.92
N ILE A 279 -12.89 -11.49 -12.37
CA ILE A 279 -11.50 -11.57 -12.84
C ILE A 279 -11.41 -12.13 -14.27
N ARG A 280 -12.18 -13.16 -14.55
CA ARG A 280 -12.15 -13.75 -15.90
C ARG A 280 -12.45 -12.72 -17.00
N ALA A 281 -13.32 -11.75 -16.67
CA ALA A 281 -13.74 -10.75 -17.64
C ALA A 281 -12.80 -9.56 -17.65
N ASN A 282 -11.75 -9.60 -16.86
CA ASN A 282 -10.73 -8.51 -16.81
C ASN A 282 -9.41 -8.95 -17.41
N TYR A 283 -8.66 -9.80 -16.69
CA TYR A 283 -7.38 -10.24 -17.22
C TYR A 283 -7.22 -11.77 -17.27
N SER A 284 -8.33 -12.44 -17.01
CA SER A 284 -8.51 -13.92 -17.12
C SER A 284 -7.92 -14.69 -15.95
N ASN A 285 -6.61 -14.59 -15.75
CA ASN A 285 -5.92 -15.31 -14.66
C ASN A 285 -4.60 -14.55 -14.42
N PRO A 286 -3.98 -14.72 -13.25
CA PRO A 286 -2.92 -13.78 -12.84
C PRO A 286 -1.52 -14.23 -13.22
N PRO A 287 -0.55 -13.28 -13.21
CA PRO A 287 0.81 -13.60 -13.66
C PRO A 287 1.55 -14.45 -12.66
N ALA A 288 2.16 -15.54 -13.12
CA ALA A 288 2.73 -16.54 -12.20
C ALA A 288 4.04 -16.13 -11.61
N HIS A 289 4.91 -15.46 -12.36
CA HIS A 289 6.31 -15.36 -11.90
C HIS A 289 6.49 -14.75 -10.49
N GLY A 290 5.95 -13.55 -10.30
CA GLY A 290 6.15 -12.91 -8.99
C GLY A 290 5.48 -13.67 -7.88
N ALA A 291 4.23 -14.12 -8.08
CA ALA A 291 3.56 -14.89 -7.04
C ALA A 291 4.21 -16.19 -6.72
N SER A 292 4.81 -16.81 -7.72
N SER A 292 4.77 -16.82 -7.74
CA SER A 292 5.50 -18.07 -7.48
CA SER A 292 5.54 -18.05 -7.55
C SER A 292 6.80 -17.84 -6.71
C SER A 292 6.70 -17.76 -6.62
N VAL A 293 7.43 -16.68 -6.91
CA VAL A 293 8.58 -16.29 -6.08
C VAL A 293 8.14 -16.08 -4.62
N VAL A 294 7.02 -15.40 -4.39
CA VAL A 294 6.56 -15.19 -3.01
C VAL A 294 6.20 -16.51 -2.34
N ALA A 295 5.44 -17.35 -3.05
CA ALA A 295 5.07 -18.63 -2.45
C ALA A 295 6.28 -19.52 -2.18
N THR A 296 7.26 -19.49 -3.09
CA THR A 296 8.49 -20.29 -2.93
C THR A 296 9.22 -19.82 -1.65
N ILE A 297 9.34 -18.50 -1.48
CA ILE A 297 10.00 -17.95 -0.29
C ILE A 297 9.22 -18.22 1.00
N LEU A 298 7.91 -17.97 1.01
CA LEU A 298 7.14 -18.06 2.26
C LEU A 298 6.98 -19.49 2.72
N SER A 299 7.10 -20.44 1.82
CA SER A 299 6.90 -21.85 2.14
C SER A 299 8.22 -22.61 2.39
N ASN A 300 9.36 -21.92 2.37
CA ASN A 300 10.66 -22.55 2.60
C ASN A 300 11.29 -21.88 3.79
N ASP A 301 11.68 -22.63 4.83
CA ASP A 301 12.18 -22.01 6.05
C ASP A 301 13.43 -21.14 5.80
N ALA A 302 14.35 -21.62 4.98
CA ALA A 302 15.59 -20.91 4.74
C ALA A 302 15.36 -19.63 3.98
N LEU A 303 14.57 -19.68 2.88
CA LEU A 303 14.35 -18.47 2.09
C LEU A 303 13.53 -17.47 2.90
N ARG A 304 12.58 -17.97 3.67
CA ARG A 304 11.77 -17.08 4.49
C ARG A 304 12.58 -16.33 5.53
N ALA A 305 13.59 -16.99 6.09
CA ALA A 305 14.43 -16.33 7.07
C ALA A 305 15.27 -15.23 6.42
N ILE A 306 15.78 -15.51 5.22
CA ILE A 306 16.56 -14.52 4.50
C ILE A 306 15.68 -13.32 4.16
N TRP A 307 14.48 -13.61 3.62
CA TRP A 307 13.57 -12.53 3.25
C TRP A 307 13.16 -11.66 4.43
N GLU A 308 12.79 -12.27 5.55
N GLU A 308 12.78 -12.29 5.55
CA GLU A 308 12.31 -11.45 6.65
CA GLU A 308 12.32 -11.52 6.72
C GLU A 308 13.41 -10.52 7.18
C GLU A 308 13.41 -10.54 7.17
N GLN A 309 14.65 -10.99 7.13
CA GLN A 309 15.75 -10.12 7.45
C GLN A 309 15.94 -9.02 6.44
N GLU A 310 15.80 -9.32 5.14
CA GLU A 310 15.85 -8.23 4.17
C GLU A 310 14.79 -7.17 4.39
N LEU A 311 13.58 -7.59 4.80
CA LEU A 311 12.51 -6.64 5.08
C LEU A 311 12.84 -5.82 6.31
N THR A 312 13.34 -6.48 7.36
CA THR A 312 13.79 -5.75 8.56
C THR A 312 14.85 -4.74 8.17
N ASP A 313 15.78 -5.14 7.30
CA ASP A 313 16.83 -4.21 6.88
C ASP A 313 16.23 -2.96 6.20
N MET A 314 15.23 -3.15 5.32
CA MET A 314 14.64 -2.01 4.63
C MET A 314 13.98 -1.07 5.66
N ARG A 315 13.14 -1.66 6.51
CA ARG A 315 12.46 -0.88 7.54
C ARG A 315 13.43 -0.07 8.38
N GLN A 316 14.51 -0.71 8.83
CA GLN A 316 15.45 -0.02 9.72
C GLN A 316 16.20 1.08 8.95
N ARG A 317 16.47 0.87 7.66
CA ARG A 317 17.21 1.91 6.89
C ARG A 317 16.34 3.15 6.72
N ILE A 318 15.06 2.93 6.44
CA ILE A 318 14.12 4.08 6.33
C ILE A 318 14.08 4.81 7.72
N GLN A 319 14.03 4.08 8.83
CA GLN A 319 14.02 4.75 10.13
C GLN A 319 15.31 5.57 10.32
N ARG A 320 16.45 5.00 9.92
CA ARG A 320 17.68 5.79 10.02
C ARG A 320 17.63 7.06 9.19
N MET A 321 17.00 6.97 8.02
CA MET A 321 16.86 8.15 7.18
C MET A 321 15.94 9.19 7.76
N ARG A 322 14.84 8.79 8.43
CA ARG A 322 13.98 9.79 9.07
C ARG A 322 14.77 10.61 10.08
N GLN A 323 15.55 9.92 10.90
CA GLN A 323 16.35 10.61 11.89
C GLN A 323 17.42 11.50 11.25
N LEU A 324 18.14 11.00 10.24
CA LEU A 324 19.16 11.78 9.55
C LEU A 324 18.56 13.01 8.83
N PHE A 325 17.40 12.85 8.24
CA PHE A 325 16.67 13.97 7.61
C PHE A 325 16.34 15.04 8.63
N VAL A 326 15.70 14.68 9.75
CA VAL A 326 15.34 15.65 10.77
C VAL A 326 16.60 16.35 11.30
N ASN A 327 17.68 15.60 11.51
CA ASN A 327 18.90 16.18 12.09
C ASN A 327 19.55 17.12 11.08
N THR A 328 19.50 16.75 9.81
CA THR A 328 20.21 17.51 8.80
C THR A 328 19.41 18.79 8.46
N LEU A 329 18.08 18.72 8.41
CA LEU A 329 17.29 19.95 8.22
C LEU A 329 17.63 21.02 9.25
N GLN A 330 17.73 20.60 10.51
CA GLN A 330 18.12 21.51 11.60
C GLN A 330 19.52 22.09 11.33
N GLU A 331 20.48 21.24 10.98
CA GLU A 331 21.84 21.75 10.77
C GLU A 331 21.96 22.71 9.59
N LYS A 332 21.15 22.50 8.55
CA LYS A 332 21.15 23.35 7.37
C LYS A 332 20.29 24.62 7.56
N GLY A 333 19.75 24.79 8.77
CA GLY A 333 19.08 26.02 9.15
C GLY A 333 17.59 26.07 8.92
N ALA A 334 16.93 24.92 8.88
CA ALA A 334 15.47 24.94 8.69
C ALA A 334 14.84 25.66 9.86
N ASN A 335 13.81 26.45 9.57
CA ASN A 335 13.12 27.16 10.64
C ASN A 335 12.61 26.23 11.76
N ARG A 336 11.80 25.24 11.40
CA ARG A 336 10.88 24.65 12.36
C ARG A 336 11.15 23.23 12.88
N ASP A 337 10.21 22.75 13.68
CA ASP A 337 10.24 21.42 14.23
C ASP A 337 9.76 20.44 13.15
N PHE A 338 10.61 19.47 12.88
CA PHE A 338 10.25 18.41 11.95
C PHE A 338 10.28 17.09 12.68
N SER A 339 10.26 17.13 14.00
CA SER A 339 10.51 15.93 14.78
C SER A 339 9.36 14.91 14.64
N PHE A 340 8.20 15.38 14.21
CA PHE A 340 7.06 14.48 13.97
C PHE A 340 7.42 13.45 12.89
N ILE A 341 8.39 13.77 12.04
CA ILE A 341 8.76 12.84 10.95
C ILE A 341 9.33 11.53 11.50
N ILE A 342 10.01 11.61 12.65
CA ILE A 342 10.61 10.43 13.27
C ILE A 342 9.59 9.31 13.62
N LYS A 343 8.39 9.73 13.98
CA LYS A 343 7.38 8.84 14.57
C LYS A 343 6.55 8.17 13.48
N GLN A 344 6.66 8.65 12.38
CA GLN A 344 5.81 8.21 11.26
C GLN A 344 6.25 6.95 10.60
N ASN A 345 5.27 6.36 9.87
CA ASN A 345 5.52 4.96 9.49
C ASN A 345 5.48 4.77 7.99
N GLY A 346 6.50 4.05 7.56
CA GLY A 346 6.49 3.62 6.17
C GLY A 346 7.46 4.40 5.32
N MET A 347 7.20 4.43 4.02
CA MET A 347 8.14 5.11 3.10
C MET A 347 7.98 6.62 3.13
N PHE A 348 6.80 7.05 3.57
CA PHE A 348 6.33 8.41 3.29
C PHE A 348 6.04 9.22 4.51
N SER A 349 6.33 10.51 4.39
CA SER A 349 5.80 11.48 5.31
C SER A 349 5.51 12.72 4.53
N PHE A 350 4.63 13.50 5.12
CA PHE A 350 4.23 14.76 4.61
C PHE A 350 5.23 15.75 5.10
N SER A 351 5.99 16.33 4.18
CA SER A 351 6.99 17.36 4.50
C SER A 351 6.38 18.67 5.00
N GLY A 352 5.11 18.95 4.68
CA GLY A 352 4.44 20.20 5.01
C GLY A 352 4.67 21.25 3.91
N LEU A 353 5.50 20.88 2.94
CA LEU A 353 5.78 21.79 1.83
C LEU A 353 4.52 22.02 1.01
N THR A 354 4.37 23.25 0.49
CA THR A 354 3.24 23.58 -0.35
C THR A 354 3.47 23.09 -1.79
N LYS A 355 2.40 23.09 -2.58
CA LYS A 355 2.51 22.59 -3.95
C LYS A 355 3.54 23.44 -4.72
N GLU A 356 3.56 24.73 -4.44
CA GLU A 356 4.54 25.59 -5.09
C GLU A 356 5.98 25.34 -4.65
N GLN A 357 6.20 25.10 -3.34
CA GLN A 357 7.53 24.69 -2.90
C GLN A 357 7.98 23.42 -3.60
N VAL A 358 7.06 22.47 -3.76
CA VAL A 358 7.44 21.22 -4.39
C VAL A 358 7.81 21.48 -5.85
N LEU A 359 7.00 22.28 -6.56
CA LEU A 359 7.36 22.63 -7.94
C LEU A 359 8.70 23.36 -8.04
N ARG A 360 8.98 24.31 -7.15
CA ARG A 360 10.27 24.98 -7.17
C ARG A 360 11.43 24.03 -6.89
N LEU A 361 11.22 23.09 -5.98
CA LEU A 361 12.27 22.14 -5.70
C LEU A 361 12.63 21.33 -6.95
N ARG A 362 11.63 20.98 -7.75
CA ARG A 362 11.91 20.24 -8.98
C ARG A 362 12.59 21.16 -9.98
N GLU A 363 12.00 22.33 -10.21
CA GLU A 363 12.46 23.17 -11.33
C GLU A 363 13.85 23.73 -11.08
N GLU A 364 14.06 24.23 -9.87
CA GLU A 364 15.31 24.94 -9.56
C GLU A 364 16.38 24.02 -8.98
N PHE A 365 15.98 22.98 -8.26
CA PHE A 365 16.98 22.16 -7.58
C PHE A 365 17.06 20.70 -8.02
N GLY A 366 16.16 20.27 -8.92
CA GLY A 366 16.17 18.88 -9.35
C GLY A 366 15.81 17.90 -8.25
N VAL A 367 15.05 18.32 -7.24
CA VAL A 367 14.61 17.42 -6.17
C VAL A 367 13.15 17.16 -6.41
N TYR A 368 12.78 15.89 -6.59
CA TYR A 368 11.45 15.48 -7.07
C TYR A 368 10.62 14.89 -5.95
N ALA A 369 9.55 15.61 -5.60
CA ALA A 369 8.57 15.06 -4.67
C ALA A 369 7.18 15.12 -5.30
N VAL A 370 6.17 14.58 -4.62
CA VAL A 370 4.78 14.66 -5.09
C VAL A 370 4.15 16.00 -4.71
N ALA A 371 3.19 16.52 -5.49
CA ALA A 371 2.69 17.90 -5.26
C ALA A 371 1.98 18.09 -3.94
N SER A 372 1.52 16.99 -3.34
CA SER A 372 0.91 17.06 -2.01
C SER A 372 1.91 17.37 -0.90
N GLY A 373 3.22 17.32 -1.23
CA GLY A 373 4.27 17.50 -0.24
C GLY A 373 4.80 16.19 0.27
N ARG A 374 4.24 15.08 -0.25
CA ARG A 374 4.72 13.75 0.16
C ARG A 374 6.13 13.51 -0.34
N VAL A 375 6.99 13.07 0.56
CA VAL A 375 8.35 12.73 0.21
C VAL A 375 8.62 11.28 0.53
N ASN A 376 9.30 10.62 -0.39
CA ASN A 376 9.76 9.23 -0.16
C ASN A 376 11.10 9.20 0.61
N VAL A 377 11.00 8.97 1.92
CA VAL A 377 12.16 8.94 2.80
C VAL A 377 13.08 7.79 2.39
N ALA A 378 12.46 6.76 1.81
CA ALA A 378 13.26 5.63 1.34
C ALA A 378 14.11 5.96 0.13
N GLY A 379 13.95 7.17 -0.44
CA GLY A 379 14.82 7.62 -1.50
C GLY A 379 16.01 8.42 -1.02
N MET A 380 16.03 8.71 0.27
CA MET A 380 17.12 9.48 0.89
C MET A 380 18.31 8.58 1.24
N THR A 381 19.51 9.12 1.09
CA THR A 381 20.72 8.35 1.42
C THR A 381 21.69 9.27 2.13
N PRO A 382 22.68 8.70 2.84
CA PRO A 382 23.68 9.56 3.47
C PRO A 382 24.35 10.49 2.45
N ASP A 383 24.56 10.00 1.23
CA ASP A 383 25.24 10.81 0.21
C ASP A 383 24.39 11.95 -0.36
N ASN A 384 23.06 11.76 -0.43
CA ASN A 384 22.24 12.82 -1.03
C ASN A 384 21.54 13.68 0.00
N MET A 385 21.74 13.39 1.28
CA MET A 385 20.99 14.09 2.32
C MET A 385 21.33 15.55 2.43
N ALA A 386 22.61 15.88 2.33
CA ALA A 386 22.98 17.28 2.50
C ALA A 386 22.45 18.18 1.38
N PRO A 387 22.66 17.80 0.11
CA PRO A 387 22.09 18.63 -0.95
C PRO A 387 20.57 18.67 -0.90
N LEU A 388 19.96 17.57 -0.56
CA LEU A 388 18.51 17.58 -0.45
C LEU A 388 18.05 18.59 0.58
N CYS A 389 18.68 18.58 1.75
CA CYS A 389 18.25 19.43 2.83
C CYS A 389 18.55 20.89 2.56
N GLU A 390 19.66 21.13 1.87
CA GLU A 390 19.99 22.52 1.50
C GLU A 390 18.93 23.08 0.57
N ALA A 391 18.48 22.25 -0.35
CA ALA A 391 17.46 22.67 -1.31
C ALA A 391 16.14 22.95 -0.58
N ILE A 392 15.75 22.07 0.33
CA ILE A 392 14.51 22.28 1.07
C ILE A 392 14.59 23.56 1.89
N VAL A 393 15.72 23.80 2.56
CA VAL A 393 15.83 25.00 3.38
C VAL A 393 15.71 26.23 2.48
N ALA A 394 16.26 26.11 1.27
CA ALA A 394 16.22 27.22 0.33
C ALA A 394 14.83 27.60 -0.15
N VAL A 395 13.87 26.67 -0.10
CA VAL A 395 12.52 27.00 -0.55
C VAL A 395 11.53 27.35 0.57
N LEU A 396 11.98 27.16 1.81
CA LEU A 396 11.15 27.47 2.98
C LEU A 396 10.83 28.98 3.12
S SO4 B . -2.19 -27.33 -3.66
O1 SO4 B . -1.85 -28.75 -3.48
O2 SO4 B . -2.44 -27.13 -5.10
O3 SO4 B . -3.45 -27.02 -2.96
O4 SO4 B . -1.03 -26.53 -3.16
S SO4 C . -17.67 10.66 -7.63
O1 SO4 C . -16.73 9.88 -6.81
O2 SO4 C . -18.17 9.89 -8.80
O3 SO4 C . -18.84 11.07 -6.83
O4 SO4 C . -16.97 11.87 -8.08
S SO4 D . -28.46 5.81 -2.75
O1 SO4 D . -28.19 4.39 -2.53
O2 SO4 D . -29.91 6.01 -2.80
O3 SO4 D . -27.92 6.61 -1.63
O4 SO4 D . -27.86 6.28 -3.99
S SO4 E . 13.05 -2.83 14.35
O1 SO4 E . 13.22 -4.16 13.79
O2 SO4 E . 12.26 -1.98 13.41
O3 SO4 E . 12.38 -2.96 15.64
O4 SO4 E . 14.34 -2.18 14.58
C1 EDO F . -6.66 -20.02 0.12
O1 EDO F . -5.89 -20.45 -1.03
C2 EDO F . -8.18 -20.08 -0.20
O2 EDO F . -8.63 -19.14 -1.26
C01 3QP G . -1.98 2.79 -0.44
C02 3QP G . -1.57 2.16 -1.72
C03 3QP G . -0.37 2.46 -2.38
O04 3QP G . 0.51 3.40 -1.83
C05 3QP G . 0.02 1.89 -3.63
C06 3QP G . -0.79 0.86 -4.22
C07 3QP G . -0.31 0.14 -5.54
O08 3QP G . 0.69 -0.96 -5.34
P09 3QP G . 0.91 -2.17 -6.39
O10 3QP G . 2.22 -1.83 -7.04
O11 3QP G . 0.90 -3.41 -5.66
O12 3QP G . -0.26 -2.13 -7.37
C13 3QP G . -1.98 0.55 -3.53
C14 3QP G . -2.39 1.17 -2.33
C15 3QP G . 1.31 2.26 -4.32
N16 3QP G . 1.79 3.50 -4.17
C17 3QP G . 3.05 3.92 -4.78
C18 3QP G . 3.24 3.57 -6.24
C19 3QP G . 2.03 3.91 -7.08
O20 3QP G . 1.75 3.17 -8.10
O21 3QP G . 1.43 5.04 -7.01
C22 3QP G . 3.08 5.37 -4.55
O23 3QP G . 2.06 5.98 -3.86
O24 3QP G . 4.08 6.12 -4.99
#